data_3PSZ
#
_entry.id   3PSZ
#
_cell.length_a   88.730
_cell.length_b   116.290
_cell.length_c   55.100
_cell.angle_alpha   90.00
_cell.angle_beta   90.00
_cell.angle_gamma   90.00
#
_symmetry.space_group_name_H-M   'P 21 21 2'
#
loop_
_entity.id
_entity.type
_entity.pdbx_description
1 polymer Qnr
2 non-polymer 'ACETATE ION'
3 non-polymer 'PHOSPHATE ION'
4 water water
#
_entity_poly.entity_id   1
_entity_poly.type   'polypeptide(L)'
_entity_poly.pdbx_seq_one_letter_code
;MIKDK(CAS)FEGVRFEQQDLEGEQFQGCRFIGCNFSWLDLAE(CSD)RFVDCSFYDRESEQSCLLQGCDLREASFLRCD
LTMADCSRSQCLGLELRDCQALGINFSRASFANQITVKSYF(CAS)EAHLTGNNFSYANFEGCLLEQCELSGNRWQGANL
FGASLAGSDLSGSEFGQIDWASVNLQGCDLRQCDLPGLDLRRVNLDGVQINEDQQQALLEQIGLIVFP
;
_entity_poly.pdbx_strand_id   A,B
#
# COMPACT_ATOMS: atom_id res chain seq x y z
N MET A 1 52.14 -9.07 -9.10
CA MET A 1 51.73 -8.06 -8.06
C MET A 1 52.42 -6.72 -8.33
N ILE A 2 51.62 -5.68 -8.56
CA ILE A 2 52.15 -4.35 -8.79
C ILE A 2 51.73 -3.47 -7.60
N LYS A 3 52.71 -2.99 -6.83
CA LYS A 3 52.47 -2.48 -5.48
C LYS A 3 53.01 -1.05 -5.30
N ASP A 4 52.13 -0.12 -4.91
CA ASP A 4 52.53 1.27 -4.60
C ASP A 4 53.20 2.01 -5.77
N LYS A 5 52.62 1.90 -6.95
CA LYS A 5 53.15 2.52 -8.15
C LYS A 5 52.18 3.58 -8.65
N PHE A 7 51.02 5.81 -11.96
CA PHE A 7 51.02 5.82 -13.42
C PHE A 7 50.32 7.09 -13.88
N GLU A 8 51.00 7.91 -14.67
CA GLU A 8 50.37 9.12 -15.17
C GLU A 8 50.31 9.20 -16.70
N GLY A 9 49.08 9.29 -17.22
CA GLY A 9 48.86 9.59 -18.64
C GLY A 9 49.14 8.38 -19.51
N VAL A 10 49.16 7.21 -18.87
CA VAL A 10 49.59 5.99 -19.51
C VAL A 10 48.38 5.36 -20.22
N ARG A 11 48.63 4.95 -21.45
CA ARG A 11 47.68 4.18 -22.21
C ARG A 11 48.15 2.74 -22.07
N PHE A 12 47.39 1.96 -21.31
CA PHE A 12 47.76 0.60 -21.04
C PHE A 12 47.56 -0.27 -22.29
N GLU A 13 48.48 -1.24 -22.45
CA GLU A 13 48.37 -2.30 -23.44
C GLU A 13 48.10 -3.57 -22.67
N GLN A 14 47.63 -4.60 -23.37
CA GLN A 14 47.15 -5.84 -22.75
C GLN A 14 48.23 -6.59 -21.98
N GLN A 15 49.45 -6.60 -22.52
CA GLN A 15 50.56 -7.30 -21.90
C GLN A 15 51.07 -6.60 -20.63
N ASP A 16 50.69 -5.33 -20.45
CA ASP A 16 51.07 -4.55 -19.27
C ASP A 16 50.38 -5.07 -18.03
N LEU A 17 49.18 -5.62 -18.18
CA LEU A 17 48.33 -5.94 -17.03
C LEU A 17 47.68 -7.34 -17.12
N GLU A 18 48.31 -8.26 -17.84
CA GLU A 18 47.73 -9.57 -18.09
C GLU A 18 47.74 -10.42 -16.80
N GLY A 19 46.54 -10.65 -16.25
CA GLY A 19 46.38 -11.43 -15.02
C GLY A 19 46.91 -10.74 -13.77
N GLU A 20 47.11 -9.42 -13.84
CA GLU A 20 47.87 -8.71 -12.82
C GLU A 20 47.04 -8.27 -11.62
N GLN A 21 47.72 -8.19 -10.49
CA GLN A 21 47.14 -7.76 -9.24
C GLN A 21 47.77 -6.39 -8.88
N PHE A 22 46.93 -5.40 -8.60
CA PHE A 22 47.39 -4.06 -8.23
C PHE A 22 47.01 -3.75 -6.78
N GLN A 23 47.98 -3.28 -5.99
CA GLN A 23 47.72 -2.89 -4.61
C GLN A 23 48.36 -1.53 -4.34
N GLY A 24 47.56 -0.58 -3.85
CA GLY A 24 48.09 0.72 -3.41
C GLY A 24 48.54 1.63 -4.54
N CYS A 25 48.01 1.39 -5.73
CA CYS A 25 48.47 2.09 -6.92
C CYS A 25 47.66 3.33 -7.19
N ARG A 26 48.25 4.24 -7.96
CA ARG A 26 47.58 5.47 -8.38
C ARG A 26 47.60 5.59 -9.88
N PHE A 27 46.43 5.80 -10.48
CA PHE A 27 46.28 5.98 -11.93
C PHE A 27 45.68 7.35 -12.17
N ILE A 28 46.47 8.19 -12.83
CA ILE A 28 46.07 9.57 -13.11
C ILE A 28 45.86 9.68 -14.61
N GLY A 29 44.63 9.94 -15.04
CA GLY A 29 44.34 10.06 -16.48
C GLY A 29 44.82 8.89 -17.35
N CYS A 30 44.75 7.67 -16.84
CA CYS A 30 45.16 6.50 -17.61
C CYS A 30 44.01 5.93 -18.43
N ASN A 31 44.37 5.22 -19.51
CA ASN A 31 43.39 4.63 -20.43
C ASN A 31 43.54 3.11 -20.49
N PHE A 32 42.53 2.39 -19.99
CA PHE A 32 42.54 0.94 -20.01
C PHE A 32 41.56 0.40 -21.07
N SER A 33 40.96 1.28 -21.87
CA SER A 33 39.79 0.92 -22.69
C SER A 33 40.01 -0.24 -23.64
N TRP A 34 38.98 -1.08 -23.76
CA TRP A 34 38.97 -2.22 -24.65
C TRP A 34 40.02 -3.24 -24.35
N LEU A 35 40.56 -3.22 -23.12
CA LEU A 35 41.46 -4.29 -22.67
C LEU A 35 40.69 -5.43 -21.96
N ASP A 36 41.30 -6.62 -21.96
CA ASP A 36 40.79 -7.75 -21.19
C ASP A 36 41.27 -7.67 -19.74
N LEU A 37 40.40 -7.16 -18.86
CA LEU A 37 40.69 -7.09 -17.43
C LEU A 37 40.05 -8.26 -16.63
N ALA A 38 39.61 -9.33 -17.31
CA ALA A 38 38.95 -10.41 -16.61
C ALA A 38 39.85 -10.94 -15.48
N GLU A 39 39.27 -11.14 -14.30
CA GLU A 39 39.97 -11.69 -13.13
C GLU A 39 41.09 -10.80 -12.59
N ARG A 41 42.63 -7.83 -10.28
CA ARG A 41 42.32 -7.44 -8.91
C ARG A 41 42.96 -6.08 -8.63
N PHE A 42 42.16 -5.14 -8.12
CA PHE A 42 42.66 -3.82 -7.72
C PHE A 42 42.21 -3.56 -6.28
N VAL A 43 43.17 -3.29 -5.39
CA VAL A 43 42.91 -3.12 -3.95
C VAL A 43 43.60 -1.86 -3.44
N ASP A 44 42.83 -0.96 -2.85
CA ASP A 44 43.36 0.31 -2.38
C ASP A 44 44.06 1.11 -3.47
N CYS A 45 43.41 1.19 -4.63
CA CYS A 45 43.93 1.92 -5.78
C CYS A 45 43.04 3.13 -6.03
N SER A 46 43.66 4.21 -6.51
CA SER A 46 42.96 5.41 -6.91
C SER A 46 42.98 5.56 -8.44
N PHE A 47 41.81 5.83 -9.03
CA PHE A 47 41.66 6.08 -10.48
C PHE A 47 41.22 7.51 -10.78
N TYR A 48 41.20 8.36 -9.76
CA TYR A 48 40.68 9.71 -9.92
C TYR A 48 41.61 10.65 -9.17
N ASP A 49 42.08 11.69 -9.85
CA ASP A 49 42.95 12.64 -9.22
C ASP A 49 42.11 13.76 -8.66
N ARG A 50 42.08 13.89 -7.34
CA ARG A 50 41.18 14.85 -6.71
C ARG A 50 41.49 16.32 -7.01
N GLU A 51 42.76 16.69 -7.16
CA GLU A 51 43.13 18.09 -7.37
C GLU A 51 42.86 18.55 -8.80
N SER A 52 43.11 17.67 -9.78
CA SER A 52 42.98 18.00 -11.20
C SER A 52 41.64 17.55 -11.80
N GLU A 53 40.97 16.63 -11.10
CA GLU A 53 39.69 16.04 -11.53
C GLU A 53 39.83 15.12 -12.74
N GLN A 54 41.04 14.71 -13.03
CA GLN A 54 41.28 13.69 -14.04
C GLN A 54 40.72 12.32 -13.62
N SER A 55 39.96 11.73 -14.55
CA SER A 55 39.42 10.39 -14.41
C SER A 55 40.17 9.40 -15.31
N CYS A 56 39.92 8.11 -15.11
CA CYS A 56 40.45 7.05 -15.98
C CYS A 56 39.38 6.49 -16.92
N LEU A 57 39.83 5.98 -18.06
CA LEU A 57 38.94 5.35 -19.05
C LEU A 57 39.03 3.81 -19.02
N LEU A 58 37.88 3.16 -18.81
CA LEU A 58 37.80 1.73 -18.86
C LEU A 58 36.64 1.34 -19.78
N GLN A 59 36.43 2.11 -20.83
CA GLN A 59 35.36 1.86 -21.78
C GLN A 59 35.54 0.58 -22.57
N GLY A 60 34.50 -0.25 -22.61
CA GLY A 60 34.53 -1.44 -23.46
C GLY A 60 35.44 -2.54 -22.91
N CYS A 61 35.91 -2.37 -21.68
CA CYS A 61 36.75 -3.36 -21.04
C CYS A 61 35.99 -4.64 -20.72
N ASP A 62 36.65 -5.79 -20.91
CA ASP A 62 36.16 -7.02 -20.30
C ASP A 62 36.46 -6.92 -18.81
N LEU A 63 35.41 -6.67 -18.00
CA LEU A 63 35.56 -6.65 -16.54
C LEU A 63 34.98 -7.92 -15.85
N ARG A 64 34.79 -9.00 -16.60
CA ARG A 64 34.11 -10.18 -16.05
C ARG A 64 34.94 -10.82 -14.98
N GLU A 65 34.35 -10.96 -13.80
CA GLU A 65 35.02 -11.51 -12.62
CA GLU A 65 35.07 -11.58 -12.68
C GLU A 65 36.30 -10.75 -12.25
N ALA A 66 36.38 -9.50 -12.69
CA ALA A 66 37.36 -8.56 -12.14
C ALA A 66 36.87 -8.13 -10.73
N SER A 67 37.81 -7.66 -9.92
CA SER A 67 37.52 -7.30 -8.54
C SER A 67 38.13 -5.94 -8.22
N PHE A 68 37.33 -5.02 -7.70
CA PHE A 68 37.80 -3.72 -7.21
C PHE A 68 37.39 -3.58 -5.75
N LEU A 69 38.36 -3.40 -4.86
CA LEU A 69 38.13 -3.32 -3.42
C LEU A 69 38.74 -2.05 -2.87
N ARG A 70 37.92 -1.24 -2.20
CA ARG A 70 38.36 0.00 -1.62
C ARG A 70 39.13 0.86 -2.61
N CYS A 71 38.57 1.03 -3.80
CA CYS A 71 39.21 1.86 -4.81
C CYS A 71 38.46 3.18 -4.99
N ASP A 72 39.18 4.21 -5.45
CA ASP A 72 38.53 5.45 -5.83
C ASP A 72 38.30 5.39 -7.33
N LEU A 73 37.08 5.05 -7.73
CA LEU A 73 36.63 5.01 -9.12
C LEU A 73 35.76 6.24 -9.47
N THR A 74 35.92 7.34 -8.73
CA THR A 74 35.19 8.54 -9.06
C THR A 74 35.32 8.91 -10.54
N MET A 75 34.19 9.23 -11.18
CA MET A 75 34.08 9.60 -12.61
C MET A 75 34.69 8.59 -13.61
N ALA A 76 34.92 7.35 -13.20
CA ALA A 76 35.52 6.37 -14.10
C ALA A 76 34.54 6.11 -15.22
N ASP A 77 35.06 5.97 -16.44
CA ASP A 77 34.22 5.63 -17.58
C ASP A 77 34.28 4.12 -17.80
N CYS A 78 33.27 3.42 -17.32
CA CYS A 78 33.14 1.97 -17.56
C CYS A 78 32.06 1.62 -18.60
N SER A 79 31.69 2.59 -19.43
CA SER A 79 30.61 2.35 -20.38
C SER A 79 30.99 1.22 -21.32
N ARG A 80 30.00 0.46 -21.74
CA ARG A 80 30.16 -0.68 -22.67
C ARG A 80 31.00 -1.80 -22.13
N SER A 81 31.32 -1.82 -20.83
CA SER A 81 32.11 -2.92 -20.28
C SER A 81 31.26 -4.19 -20.05
N GLN A 82 31.90 -5.35 -20.13
CA GLN A 82 31.27 -6.63 -19.78
C GLN A 82 31.51 -6.85 -18.28
N CYS A 83 30.42 -6.85 -17.52
CA CYS A 83 30.51 -6.84 -16.06
C CYS A 83 29.91 -8.07 -15.33
N LEU A 84 29.73 -9.19 -16.04
CA LEU A 84 29.17 -10.39 -15.43
C LEU A 84 30.20 -10.92 -14.46
N GLY A 85 29.84 -11.01 -13.18
CA GLY A 85 30.74 -11.47 -12.14
C GLY A 85 31.64 -10.35 -11.62
N LEU A 86 31.46 -9.13 -12.09
CA LEU A 86 32.23 -8.03 -11.54
C LEU A 86 31.98 -7.95 -10.03
N GLU A 87 33.05 -7.66 -9.29
CA GLU A 87 32.97 -7.38 -7.87
C GLU A 87 33.53 -5.99 -7.64
N LEU A 88 32.70 -5.13 -7.09
CA LEU A 88 33.07 -3.77 -6.66
C LEU A 88 32.65 -3.66 -5.21
N ARG A 89 33.61 -3.57 -4.29
CA ARG A 89 33.28 -3.52 -2.86
C ARG A 89 33.92 -2.33 -2.19
N ASP A 90 33.11 -1.55 -1.47
CA ASP A 90 33.58 -0.44 -0.65
C ASP A 90 34.34 0.61 -1.45
N CYS A 91 33.91 0.88 -2.68
CA CYS A 91 34.61 1.81 -3.58
C CYS A 91 33.93 3.17 -3.62
N GLN A 92 34.73 4.22 -3.74
CA GLN A 92 34.22 5.55 -3.93
C GLN A 92 33.99 5.63 -5.42
N ALA A 93 32.74 5.75 -5.85
CA ALA A 93 32.39 5.70 -7.29
C ALA A 93 31.43 6.84 -7.71
N LEU A 94 31.53 7.97 -7.02
CA LEU A 94 30.78 9.16 -7.40
C LEU A 94 30.89 9.43 -8.93
N GLY A 95 29.75 9.56 -9.60
CA GLY A 95 29.73 9.79 -11.06
C GLY A 95 30.18 8.66 -12.01
N ILE A 96 30.37 7.43 -11.50
CA ILE A 96 30.85 6.34 -12.36
C ILE A 96 29.84 6.09 -13.48
N ASN A 97 30.34 5.75 -14.67
CA ASN A 97 29.48 5.63 -15.85
C ASN A 97 29.48 4.18 -16.27
N PHE A 98 28.30 3.56 -16.25
CA PHE A 98 28.11 2.17 -16.72
C PHE A 98 27.09 2.08 -17.84
N SER A 99 26.84 3.20 -18.52
CA SER A 99 25.98 3.23 -19.70
CA SER A 99 25.95 3.19 -19.68
C SER A 99 26.43 2.15 -20.66
N ARG A 100 25.51 1.26 -21.04
CA ARG A 100 25.77 0.19 -22.02
C ARG A 100 26.57 -0.98 -21.47
N ALA A 101 26.92 -0.94 -20.19
CA ALA A 101 27.60 -2.04 -19.55
C ALA A 101 26.61 -3.17 -19.37
N SER A 102 27.02 -4.38 -19.73
CA SER A 102 26.19 -5.57 -19.47
C SER A 102 26.57 -6.18 -18.12
N PHE A 103 25.58 -6.41 -17.27
CA PHE A 103 25.81 -7.08 -15.99
C PHE A 103 25.15 -8.46 -16.05
N ALA A 104 23.84 -8.54 -15.86
CA ALA A 104 23.14 -9.81 -15.94
C ALA A 104 23.00 -10.34 -17.37
N ASN A 105 22.98 -11.66 -17.47
CA ASN A 105 22.67 -12.32 -18.71
C ASN A 105 21.19 -12.16 -19.00
N GLN A 106 20.88 -11.71 -20.22
CA GLN A 106 19.51 -11.62 -20.70
C GLN A 106 18.72 -12.90 -20.45
N ILE A 107 19.40 -14.05 -20.59
CA ILE A 107 18.85 -15.34 -20.16
C ILE A 107 19.09 -15.50 -18.66
N THR A 108 18.25 -14.82 -17.87
CA THR A 108 18.29 -14.90 -16.41
C THR A 108 17.74 -16.27 -15.98
N VAL A 109 18.63 -17.12 -15.43
CA VAL A 109 18.24 -18.44 -14.91
C VAL A 109 18.24 -18.39 -13.38
N LYS A 110 17.04 -18.42 -12.79
CA LYS A 110 16.88 -18.00 -11.40
C LYS A 110 17.51 -18.96 -10.37
N SER A 111 18.38 -18.40 -9.53
CA SER A 111 19.12 -19.15 -8.52
C SER A 111 19.49 -18.22 -7.40
N TYR A 112 20.18 -18.77 -6.41
CA TYR A 112 20.78 -17.97 -5.34
C TYR A 112 22.24 -17.61 -5.61
N PHE A 113 22.69 -17.76 -6.86
CA PHE A 113 24.01 -17.26 -7.27
C PHE A 113 23.84 -15.87 -7.94
N GLU A 115 24.76 -12.59 -10.08
CA GLU A 115 25.24 -12.34 -11.42
C GLU A 115 26.35 -11.25 -11.34
N ALA A 116 26.30 -10.39 -10.33
CA ALA A 116 27.41 -9.50 -9.95
C ALA A 116 27.29 -9.10 -8.49
N HIS A 117 28.35 -8.53 -7.93
CA HIS A 117 28.42 -8.14 -6.52
C HIS A 117 28.98 -6.72 -6.33
N LEU A 118 28.11 -5.72 -6.23
CA LEU A 118 28.48 -4.33 -6.01
C LEU A 118 27.94 -3.90 -4.66
N THR A 119 28.76 -3.96 -3.61
CA THR A 119 28.30 -3.65 -2.26
C THR A 119 29.12 -2.58 -1.57
N GLY A 120 28.48 -1.75 -0.74
CA GLY A 120 29.19 -0.84 0.13
C GLY A 120 29.80 0.33 -0.59
N ASN A 121 29.34 0.60 -1.81
CA ASN A 121 29.89 1.66 -2.65
C ASN A 121 29.10 2.96 -2.53
N ASN A 122 29.80 4.08 -2.80
CA ASN A 122 29.12 5.32 -3.09
C ASN A 122 28.90 5.42 -4.60
N PHE A 123 27.67 5.24 -5.04
CA PHE A 123 27.29 5.38 -6.46
C PHE A 123 26.50 6.67 -6.66
N SER A 124 26.78 7.69 -5.86
CA SER A 124 26.07 8.95 -5.99
C SER A 124 26.36 9.56 -7.35
N TYR A 125 25.29 9.98 -8.02
CA TYR A 125 25.37 10.60 -9.33
C TYR A 125 25.96 9.66 -10.40
N ALA A 126 25.85 8.34 -10.18
CA ALA A 126 26.27 7.37 -11.18
C ALA A 126 25.26 7.26 -12.33
N ASN A 127 25.70 6.70 -13.46
CA ASN A 127 24.85 6.50 -14.62
C ASN A 127 24.73 4.99 -14.89
N PHE A 128 23.56 4.44 -14.56
CA PHE A 128 23.24 3.03 -14.79
C PHE A 128 22.02 2.97 -15.68
N GLU A 129 21.86 4.02 -16.49
CA GLU A 129 20.73 4.17 -17.36
C GLU A 129 20.68 2.97 -18.28
N GLY A 130 19.53 2.29 -18.29
CA GLY A 130 19.28 1.17 -19.21
C GLY A 130 19.89 -0.17 -18.80
N CYS A 131 20.66 -0.17 -17.71
CA CYS A 131 21.41 -1.36 -17.28
C CYS A 131 20.51 -2.43 -16.69
N LEU A 132 20.92 -3.68 -16.89
CA LEU A 132 20.19 -4.85 -16.46
C LEU A 132 20.91 -5.43 -15.28
N LEU A 133 20.66 -4.88 -14.10
CA LEU A 133 21.30 -5.31 -12.87
C LEU A 133 20.43 -6.32 -12.13
N GLU A 134 20.14 -7.41 -12.79
CA GLU A 134 19.14 -8.36 -12.33
C GLU A 134 19.85 -9.51 -11.63
N GLN A 135 19.28 -9.96 -10.51
CA GLN A 135 19.81 -11.07 -9.71
C GLN A 135 21.28 -10.80 -9.31
N CYS A 136 21.51 -9.58 -8.82
CA CYS A 136 22.81 -9.13 -8.32
C CYS A 136 22.78 -8.84 -6.82
N GLU A 137 23.96 -8.89 -6.21
CA GLU A 137 24.11 -8.43 -4.84
C GLU A 137 24.47 -6.95 -4.91
N LEU A 138 23.53 -6.08 -4.52
CA LEU A 138 23.69 -4.61 -4.60
C LEU A 138 23.41 -3.90 -3.26
N SER A 139 23.75 -4.56 -2.14
CA SER A 139 23.41 -4.06 -0.84
C SER A 139 24.39 -2.99 -0.36
N GLY A 140 23.92 -2.08 0.50
CA GLY A 140 24.82 -1.17 1.22
C GLY A 140 25.42 -0.07 0.38
N ASN A 141 24.82 0.20 -0.78
CA ASN A 141 25.31 1.26 -1.66
C ASN A 141 24.55 2.56 -1.39
N ARG A 142 25.19 3.69 -1.72
CA ARG A 142 24.54 4.97 -1.75
C ARG A 142 24.25 5.30 -3.22
N TRP A 143 23.02 5.75 -3.52
CA TRP A 143 22.58 5.97 -4.91
C TRP A 143 22.03 7.36 -5.20
N GLN A 144 22.26 8.33 -4.30
CA GLN A 144 21.71 9.69 -4.40
C GLN A 144 22.05 10.41 -5.71
N GLY A 145 21.03 10.76 -6.49
CA GLY A 145 21.22 11.45 -7.78
C GLY A 145 21.64 10.56 -8.92
N ALA A 146 21.73 9.25 -8.65
CA ALA A 146 22.11 8.26 -9.66
C ALA A 146 21.05 8.18 -10.72
N ASN A 147 21.47 7.92 -11.94
CA ASN A 147 20.57 7.79 -13.06
C ASN A 147 20.32 6.31 -13.26
N LEU A 148 19.12 5.88 -12.83
CA LEU A 148 18.66 4.50 -12.93
C LEU A 148 17.49 4.38 -13.91
N PHE A 149 17.37 5.33 -14.83
CA PHE A 149 16.23 5.41 -15.78
C PHE A 149 16.19 4.21 -16.72
N GLY A 150 15.07 3.51 -16.74
CA GLY A 150 14.91 2.37 -17.64
C GLY A 150 15.78 1.18 -17.29
N ALA A 151 16.47 1.24 -16.15
CA ALA A 151 17.21 0.12 -15.61
C ALA A 151 16.31 -0.92 -14.94
N SER A 152 16.83 -2.14 -14.79
CA SER A 152 16.16 -3.14 -13.99
C SER A 152 17.06 -3.64 -12.88
N LEU A 153 16.52 -3.64 -11.67
CA LEU A 153 17.18 -4.22 -10.50
C LEU A 153 16.46 -5.52 -10.10
N ALA A 154 15.68 -6.08 -11.00
CA ALA A 154 14.83 -7.24 -10.63
C ALA A 154 15.61 -8.40 -9.98
N GLY A 155 15.11 -8.87 -8.86
CA GLY A 155 15.69 -10.01 -8.20
C GLY A 155 16.94 -9.67 -7.42
N SER A 156 17.27 -8.40 -7.31
CA SER A 156 18.53 -8.05 -6.69
C SER A 156 18.38 -7.75 -5.20
N ASP A 157 19.48 -7.88 -4.47
CA ASP A 157 19.52 -7.54 -3.05
C ASP A 157 19.99 -6.09 -2.97
N LEU A 158 19.09 -5.20 -2.55
CA LEU A 158 19.40 -3.79 -2.38
C LEU A 158 19.43 -3.37 -0.93
N SER A 159 19.29 -4.34 -0.02
CA SER A 159 19.15 -4.06 1.40
C SER A 159 20.20 -3.10 1.90
N GLY A 160 19.77 -2.19 2.77
CA GLY A 160 20.70 -1.25 3.42
C GLY A 160 21.24 -0.19 2.48
N SER A 161 20.60 -0.02 1.32
CA SER A 161 20.99 1.03 0.42
C SER A 161 20.37 2.35 0.85
N GLU A 162 21.00 3.45 0.46
CA GLU A 162 20.44 4.78 0.62
C GLU A 162 20.18 5.36 -0.77
N PHE A 163 18.91 5.55 -1.10
CA PHE A 163 18.53 5.92 -2.45
C PHE A 163 18.31 7.41 -2.64
N GLY A 164 17.82 8.07 -1.61
CA GLY A 164 17.27 9.40 -1.78
C GLY A 164 16.04 9.28 -2.64
N GLN A 165 15.63 10.41 -3.24
CA GLN A 165 14.37 10.46 -3.97
C GLN A 165 14.54 10.04 -5.44
N ILE A 166 14.60 8.73 -5.64
CA ILE A 166 14.75 8.10 -6.96
C ILE A 166 13.43 8.20 -7.74
N ASP A 167 13.56 8.31 -9.05
CA ASP A 167 12.41 8.20 -9.93
C ASP A 167 12.01 6.73 -9.96
N TRP A 168 11.23 6.35 -8.95
CA TRP A 168 10.93 4.95 -8.65
C TRP A 168 10.19 4.21 -9.76
N ALA A 169 9.40 4.97 -10.53
CA ALA A 169 8.50 4.47 -11.59
C ALA A 169 9.21 4.07 -12.89
N SER A 170 10.48 4.42 -13.02
CA SER A 170 11.22 4.16 -14.23
C SER A 170 12.27 3.02 -14.06
N VAL A 171 12.21 2.28 -12.96
CA VAL A 171 13.20 1.26 -12.67
C VAL A 171 12.44 0.02 -12.19
N ASN A 172 12.81 -1.16 -12.66
CA ASN A 172 12.12 -2.40 -12.30
C ASN A 172 12.68 -2.89 -10.97
N LEU A 173 11.79 -3.00 -9.98
CA LEU A 173 12.13 -3.37 -8.60
C LEU A 173 11.57 -4.75 -8.21
N GLN A 174 10.95 -5.42 -9.18
CA GLN A 174 10.24 -6.65 -8.89
C GLN A 174 11.18 -7.71 -8.27
N GLY A 175 10.78 -8.26 -7.14
CA GLY A 175 11.57 -9.31 -6.50
C GLY A 175 12.78 -8.82 -5.70
N CYS A 176 12.93 -7.51 -5.57
CA CYS A 176 14.11 -6.93 -4.87
C CYS A 176 13.99 -7.06 -3.36
N ASP A 177 15.15 -7.16 -2.69
CA ASP A 177 15.21 -7.05 -1.22
C ASP A 177 15.46 -5.56 -0.94
N LEU A 178 14.44 -4.87 -0.44
CA LEU A 178 14.54 -3.46 -0.09
C LEU A 178 14.53 -3.23 1.43
N ARG A 179 14.81 -4.28 2.19
CA ARG A 179 14.94 -4.17 3.64
C ARG A 179 16.00 -3.17 4.00
N GLN A 180 15.72 -2.42 5.08
CA GLN A 180 16.63 -1.46 5.71
C GLN A 180 17.04 -0.38 4.74
N CYS A 181 16.16 -0.05 3.81
CA CYS A 181 16.36 1.02 2.86
C CYS A 181 15.44 2.16 3.25
N ASP A 182 15.88 3.37 2.96
CA ASP A 182 15.00 4.55 2.97
C ASP A 182 14.27 4.43 1.64
N LEU A 183 12.97 4.66 1.62
CA LEU A 183 12.26 4.63 0.33
C LEU A 183 11.40 5.87 0.16
N PRO A 184 12.02 7.06 0.20
CA PRO A 184 11.21 8.29 0.21
C PRO A 184 10.49 8.52 -1.12
N GLY A 185 9.21 8.86 -1.02
CA GLY A 185 8.39 9.12 -2.20
C GLY A 185 7.97 7.90 -3.02
N LEU A 186 8.28 6.69 -2.54
CA LEU A 186 7.85 5.47 -3.24
C LEU A 186 6.34 5.32 -3.07
N ASP A 187 5.62 5.28 -4.19
CA ASP A 187 4.16 5.25 -4.19
C ASP A 187 3.61 3.92 -4.74
N LEU A 188 2.96 3.15 -3.86
CA LEU A 188 2.42 1.82 -4.17
C LEU A 188 1.43 1.78 -5.33
N ARG A 189 0.71 2.88 -5.55
CA ARG A 189 -0.27 2.94 -6.62
C ARG A 189 0.40 3.07 -7.98
N ARG A 190 1.66 3.49 -7.99
CA ARG A 190 2.36 3.86 -9.23
C ARG A 190 3.56 2.97 -9.57
N VAL A 191 3.96 2.12 -8.64
CA VAL A 191 5.19 1.35 -8.75
C VAL A 191 4.89 -0.10 -8.41
N ASN A 192 5.28 -1.02 -9.29
CA ASN A 192 5.02 -2.44 -9.10
C ASN A 192 6.03 -2.96 -8.11
N LEU A 193 5.56 -3.53 -7.01
CA LEU A 193 6.42 -4.05 -5.96
C LEU A 193 6.21 -5.55 -5.72
N ASP A 194 5.77 -6.25 -6.77
CA ASP A 194 5.55 -7.68 -6.65
C ASP A 194 6.87 -8.37 -6.28
N GLY A 195 6.79 -9.25 -5.27
CA GLY A 195 7.93 -10.03 -4.79
C GLY A 195 8.94 -9.25 -3.95
N VAL A 196 8.66 -7.96 -3.68
CA VAL A 196 9.58 -7.10 -2.98
C VAL A 196 9.59 -7.40 -1.50
N GLN A 197 10.78 -7.44 -0.92
CA GLN A 197 10.91 -7.74 0.52
C GLN A 197 11.18 -6.48 1.33
N ILE A 198 10.34 -6.27 2.35
CA ILE A 198 10.49 -5.18 3.30
C ILE A 198 10.33 -5.70 4.72
N ASN A 199 10.84 -4.94 5.68
CA ASN A 199 10.60 -5.20 7.10
C ASN A 199 9.28 -4.59 7.49
N GLU A 200 8.73 -5.07 8.60
CA GLU A 200 7.46 -4.54 9.09
C GLU A 200 7.57 -3.05 9.46
N ASP A 201 8.76 -2.58 9.88
CA ASP A 201 8.94 -1.16 10.24
C ASP A 201 9.00 -0.21 9.01
N GLN A 202 8.99 -0.78 7.81
CA GLN A 202 8.96 -0.01 6.56
C GLN A 202 7.56 0.21 6.03
N GLN A 203 6.59 -0.50 6.59
CA GLN A 203 5.21 -0.47 6.11
C GLN A 203 4.56 0.92 6.25
N GLN A 204 4.76 1.55 7.40
CA GLN A 204 4.00 2.76 7.72
C GLN A 204 4.29 3.90 6.73
N ALA A 205 5.57 4.17 6.44
CA ALA A 205 5.95 5.19 5.45
C ALA A 205 5.29 4.95 4.09
N LEU A 206 5.35 3.73 3.59
CA LEU A 206 4.69 3.39 2.32
C LEU A 206 3.17 3.71 2.35
N LEU A 207 2.52 3.37 3.48
CA LEU A 207 1.06 3.49 3.54
C LEU A 207 0.60 4.93 3.76
N GLU A 208 1.33 5.65 4.60
CA GLU A 208 1.12 7.09 4.78
C GLU A 208 1.28 7.89 3.48
N GLN A 209 2.20 7.45 2.61
CA GLN A 209 2.41 8.08 1.31
C GLN A 209 1.14 8.18 0.48
N ILE A 210 0.26 7.18 0.63
CA ILE A 210 -1.01 7.15 -0.10
C ILE A 210 -2.20 7.57 0.76
N GLY A 211 -1.90 8.27 1.86
CA GLY A 211 -2.91 8.96 2.66
C GLY A 211 -3.51 8.20 3.85
N LEU A 212 -3.05 6.98 4.08
CA LEU A 212 -3.52 6.21 5.23
C LEU A 212 -2.96 6.81 6.52
N ILE A 213 -3.71 6.70 7.61
CA ILE A 213 -3.24 7.17 8.93
C ILE A 213 -3.06 5.92 9.80
N VAL A 214 -1.82 5.65 10.20
CA VAL A 214 -1.51 4.42 10.90
C VAL A 214 -1.30 4.66 12.39
N PHE A 215 -1.99 3.84 13.18
CA PHE A 215 -1.97 3.90 14.64
C PHE A 215 -1.32 2.61 15.21
N PRO A 216 -0.74 2.71 16.42
CA PRO A 216 -0.26 1.50 17.11
C PRO A 216 -1.34 0.42 17.32
N MET B 1 -46.28 4.07 27.02
CA MET B 1 -45.53 2.78 26.92
C MET B 1 -46.44 1.62 26.54
N ILE B 2 -46.14 0.99 25.40
CA ILE B 2 -46.82 -0.24 24.98
C ILE B 2 -45.86 -1.40 25.21
N LYS B 3 -46.30 -2.37 26.02
CA LYS B 3 -45.42 -3.41 26.57
C LYS B 3 -46.01 -4.80 26.33
N ASP B 4 -45.21 -5.70 25.79
CA ASP B 4 -45.56 -7.11 25.60
C ASP B 4 -46.82 -7.37 24.78
N LYS B 5 -46.99 -6.61 23.72
CA LYS B 5 -48.16 -6.71 22.85
C LYS B 5 -47.81 -7.22 21.47
N PHE B 7 -48.96 -7.55 17.47
CA PHE B 7 -49.76 -6.91 16.41
C PHE B 7 -49.69 -7.67 15.09
N GLU B 8 -50.84 -8.14 14.61
CA GLU B 8 -50.89 -8.96 13.41
C GLU B 8 -51.57 -8.21 12.26
N GLY B 9 -50.87 -8.07 11.15
CA GLY B 9 -51.44 -7.48 9.94
C GLY B 9 -52.03 -6.08 10.13
N VAL B 10 -51.55 -5.35 11.13
CA VAL B 10 -52.05 -4.00 11.41
C VAL B 10 -51.42 -2.97 10.47
N ARG B 11 -52.27 -2.18 9.83
CA ARG B 11 -51.85 -0.98 9.10
C ARG B 11 -51.99 0.14 10.10
N PHE B 12 -50.86 0.57 10.66
CA PHE B 12 -50.83 1.60 11.69
C PHE B 12 -51.21 2.96 11.15
N GLU B 13 -51.90 3.73 12.00
CA GLU B 13 -52.18 5.15 11.78
C GLU B 13 -51.38 5.98 12.81
N GLN B 14 -51.27 7.29 12.59
CA GLN B 14 -50.39 8.16 13.41
C GLN B 14 -50.77 8.25 14.91
N GLN B 15 -52.07 8.36 15.15
CA GLN B 15 -52.66 8.42 16.49
C GLN B 15 -52.26 7.18 17.33
N ASP B 16 -52.12 6.04 16.65
CA ASP B 16 -51.75 4.76 17.25
C ASP B 16 -50.42 4.82 18.00
N LEU B 17 -49.42 5.48 17.39
CA LEU B 17 -48.05 5.47 17.95
C LEU B 17 -47.42 6.85 18.16
N GLU B 18 -48.23 7.89 18.30
CA GLU B 18 -47.69 9.27 18.40
C GLU B 18 -46.76 9.43 19.62
N GLY B 19 -45.49 9.78 19.37
CA GLY B 19 -44.48 9.99 20.42
C GLY B 19 -44.34 8.84 21.41
N GLU B 20 -44.53 7.62 20.92
CA GLU B 20 -44.83 6.49 21.76
C GLU B 20 -43.60 5.60 21.90
N GLN B 21 -43.59 4.79 22.95
CA GLN B 21 -42.47 3.91 23.27
C GLN B 21 -42.99 2.46 23.34
N PHE B 22 -42.27 1.56 22.67
CA PHE B 22 -42.61 0.14 22.60
C PHE B 22 -41.55 -0.74 23.27
N GLN B 23 -41.97 -1.71 24.08
CA GLN B 23 -41.03 -2.64 24.72
C GLN B 23 -41.57 -4.06 24.62
N GLY B 24 -40.74 -4.98 24.11
CA GLY B 24 -41.08 -6.36 24.07
C GLY B 24 -42.27 -6.67 23.18
N CYS B 25 -42.50 -5.83 22.18
CA CYS B 25 -43.64 -6.01 21.28
C CYS B 25 -43.31 -6.83 20.05
N ARG B 26 -44.32 -7.51 19.52
CA ARG B 26 -44.19 -8.28 18.30
C ARG B 26 -45.06 -7.67 17.17
N PHE B 27 -44.47 -7.51 15.98
CA PHE B 27 -45.17 -6.95 14.81
C PHE B 27 -45.00 -7.93 13.68
N ILE B 28 -46.12 -8.48 13.21
CA ILE B 28 -46.15 -9.50 12.18
C ILE B 28 -46.85 -8.91 10.96
N GLY B 29 -46.09 -8.69 9.89
CA GLY B 29 -46.67 -8.11 8.68
C GLY B 29 -47.42 -6.80 8.94
N CYS B 30 -46.84 -5.90 9.74
CA CYS B 30 -47.47 -4.61 9.99
C CYS B 30 -46.93 -3.57 9.03
N ASN B 31 -47.73 -2.55 8.72
CA ASN B 31 -47.35 -1.44 7.84
C ASN B 31 -47.23 -0.15 8.65
N PHE B 32 -46.03 0.40 8.73
CA PHE B 32 -45.82 1.70 9.37
C PHE B 32 -45.58 2.81 8.34
N SER B 33 -45.67 2.47 7.05
CA SER B 33 -45.23 3.33 5.97
C SER B 33 -45.84 4.73 6.03
N TRP B 34 -45.00 5.74 5.77
CA TRP B 34 -45.43 7.12 5.65
C TRP B 34 -45.90 7.76 6.95
N LEU B 35 -45.46 7.18 8.09
CA LEU B 35 -45.80 7.76 9.37
C LEU B 35 -44.62 8.50 9.99
N ASP B 36 -44.93 9.41 10.90
CA ASP B 36 -43.90 10.12 11.67
C ASP B 36 -43.52 9.30 12.91
N LEU B 37 -42.42 8.54 12.81
CA LEU B 37 -41.86 7.81 13.95
C LEU B 37 -40.77 8.63 14.67
N ALA B 38 -40.66 9.91 14.39
CA ALA B 38 -39.56 10.70 14.96
C ALA B 38 -39.55 10.55 16.48
N GLU B 39 -38.37 10.27 17.01
CA GLU B 39 -38.14 10.13 18.45
C GLU B 39 -38.88 8.95 19.09
N ARG B 41 -39.39 5.06 20.11
CA ARG B 41 -38.40 4.20 20.75
C ARG B 41 -38.91 2.75 20.86
N PHE B 42 -38.15 1.83 20.27
CA PHE B 42 -38.49 0.41 20.26
C PHE B 42 -37.34 -0.35 20.88
N VAL B 43 -37.65 -1.12 21.93
CA VAL B 43 -36.66 -1.90 22.65
C VAL B 43 -37.16 -3.34 22.69
N ASP B 44 -36.27 -4.30 22.43
CA ASP B 44 -36.62 -5.73 22.46
C ASP B 44 -37.89 -6.10 21.69
N CYS B 45 -38.05 -5.51 20.50
CA CYS B 45 -39.22 -5.76 19.66
C CYS B 45 -38.83 -6.60 18.45
N SER B 46 -39.80 -7.37 17.95
CA SER B 46 -39.65 -8.16 16.75
C SER B 46 -40.53 -7.57 15.62
N PHE B 47 -39.91 -7.26 14.49
CA PHE B 47 -40.62 -6.86 13.28
C PHE B 47 -40.61 -7.96 12.19
N TYR B 48 -40.19 -9.17 12.55
CA TYR B 48 -40.01 -10.26 11.59
C TYR B 48 -40.49 -11.57 12.19
N ASP B 49 -41.38 -12.26 11.48
CA ASP B 49 -41.85 -13.55 11.95
C ASP B 49 -41.01 -14.63 11.30
N ARG B 50 -40.30 -15.39 12.14
CA ARG B 50 -39.35 -16.39 11.66
C ARG B 50 -39.99 -17.63 10.99
N GLU B 51 -41.25 -17.94 11.28
CA GLU B 51 -41.85 -19.08 10.60
C GLU B 51 -42.38 -18.69 9.26
N SER B 52 -43.19 -17.64 9.21
CA SER B 52 -43.89 -17.23 7.99
C SER B 52 -42.99 -16.42 7.07
N GLU B 53 -41.93 -15.83 7.66
CA GLU B 53 -41.02 -14.92 6.96
C GLU B 53 -41.68 -13.60 6.58
N GLN B 54 -42.75 -13.27 7.29
CA GLN B 54 -43.38 -11.96 7.17
C GLN B 54 -42.50 -10.85 7.79
N SER B 55 -42.30 -9.79 7.02
CA SER B 55 -41.61 -8.60 7.45
C SER B 55 -42.58 -7.42 7.56
N CYS B 56 -42.07 -6.31 8.06
CA CYS B 56 -42.83 -5.06 8.20
C CYS B 56 -42.41 -4.04 7.15
N LEU B 57 -43.33 -3.13 6.83
CA LEU B 57 -43.07 -2.05 5.89
C LEU B 57 -42.96 -0.74 6.67
N LEU B 58 -41.85 -0.03 6.46
CA LEU B 58 -41.64 1.30 7.01
C LEU B 58 -41.19 2.28 5.92
N GLN B 59 -41.74 2.13 4.71
CA GLN B 59 -41.37 3.02 3.59
C GLN B 59 -41.78 4.45 3.88
N GLY B 60 -40.85 5.37 3.62
CA GLY B 60 -41.08 6.80 3.75
C GLY B 60 -41.39 7.31 5.14
N CYS B 61 -41.06 6.51 6.14
CA CYS B 61 -41.24 6.92 7.53
C CYS B 61 -40.26 8.00 7.87
N ASP B 62 -40.67 8.96 8.70
CA ASP B 62 -39.74 9.82 9.39
C ASP B 62 -39.17 8.98 10.54
N LEU B 63 -37.91 8.59 10.47
CA LEU B 63 -37.29 7.86 11.58
C LEU B 63 -36.27 8.74 12.31
N ARG B 64 -36.35 10.05 12.11
CA ARG B 64 -35.36 10.98 12.69
C ARG B 64 -35.30 10.94 14.21
N GLU B 65 -34.14 10.63 14.72
CA GLU B 65 -33.93 10.43 16.13
C GLU B 65 -34.81 9.34 16.75
N ALA B 66 -35.32 8.42 15.92
CA ALA B 66 -35.92 7.20 16.47
C ALA B 66 -34.78 6.28 16.96
N SER B 67 -35.11 5.38 17.89
CA SER B 67 -34.13 4.42 18.40
CA SER B 67 -34.14 4.43 18.43
CA SER B 67 -34.15 4.42 18.42
C SER B 67 -34.71 3.00 18.38
N PHE B 68 -33.94 2.07 17.88
CA PHE B 68 -34.30 0.65 17.94
C PHE B 68 -33.16 -0.05 18.63
N LEU B 69 -33.44 -0.64 19.78
CA LEU B 69 -32.45 -1.32 20.59
C LEU B 69 -32.83 -2.80 20.73
N ARG B 70 -31.91 -3.68 20.33
CA ARG B 70 -32.08 -5.12 20.40
C ARG B 70 -33.38 -5.56 19.75
N CYS B 71 -33.62 -5.05 18.55
CA CYS B 71 -34.84 -5.37 17.81
C CYS B 71 -34.53 -6.36 16.68
N ASP B 72 -35.50 -7.14 16.25
CA ASP B 72 -35.32 -7.96 15.09
C ASP B 72 -35.95 -7.20 13.91
N LEU B 73 -35.12 -6.57 13.07
CA LEU B 73 -35.58 -5.81 11.92
C LEU B 73 -35.27 -6.58 10.62
N THR B 74 -35.27 -7.91 10.71
CA THR B 74 -34.97 -8.74 9.55
C THR B 74 -35.95 -8.43 8.39
N MET B 75 -35.38 -8.12 7.24
CA MET B 75 -36.14 -7.89 6.00
C MET B 75 -37.09 -6.71 6.08
N ALA B 76 -36.82 -5.78 7.00
CA ALA B 76 -37.66 -4.58 7.16
C ALA B 76 -37.44 -3.66 5.96
N ASP B 77 -38.51 -3.04 5.47
CA ASP B 77 -38.36 -2.15 4.34
C ASP B 77 -38.45 -0.77 4.87
N CYS B 78 -37.29 -0.13 4.97
CA CYS B 78 -37.14 1.22 5.45
C CYS B 78 -36.78 2.19 4.32
N SER B 79 -37.07 1.80 3.08
CA SER B 79 -36.69 2.61 1.92
C SER B 79 -37.41 3.97 1.92
N ARG B 80 -36.74 4.99 1.40
CA ARG B 80 -37.29 6.34 1.29
C ARG B 80 -37.49 7.04 2.65
N SER B 81 -36.99 6.43 3.72
CA SER B 81 -37.20 6.94 5.06
C SER B 81 -36.24 8.10 5.35
N GLN B 82 -36.63 8.98 6.28
CA GLN B 82 -35.72 10.02 6.81
C GLN B 82 -35.00 9.51 8.05
N CYS B 83 -33.68 9.52 8.04
CA CYS B 83 -32.89 8.82 9.05
C CYS B 83 -31.82 9.65 9.80
N LEU B 84 -31.75 10.97 9.59
CA LEU B 84 -30.86 11.82 10.40
C LEU B 84 -31.14 11.61 11.90
N GLY B 85 -30.12 11.19 12.64
CA GLY B 85 -30.23 10.99 14.08
C GLY B 85 -30.76 9.62 14.49
N LEU B 86 -31.06 8.77 13.52
CA LEU B 86 -31.49 7.41 13.81
C LEU B 86 -30.46 6.66 14.62
N GLU B 87 -30.94 5.86 15.55
CA GLU B 87 -30.07 4.99 16.34
C GLU B 87 -30.58 3.55 16.23
N LEU B 88 -29.74 2.67 15.71
CA LEU B 88 -30.00 1.23 15.73
C LEU B 88 -28.85 0.62 16.46
N ARG B 89 -29.12 0.02 17.61
CA ARG B 89 -28.05 -0.60 18.41
C ARG B 89 -28.39 -2.08 18.57
N ASP B 90 -27.43 -2.91 18.20
CA ASP B 90 -27.47 -4.33 18.52
C ASP B 90 -28.67 -5.02 17.91
N CYS B 91 -29.12 -4.59 16.75
CA CYS B 91 -30.32 -5.16 16.12
C CYS B 91 -29.95 -6.29 15.14
N GLN B 92 -30.83 -7.27 15.01
CA GLN B 92 -30.76 -8.22 13.91
C GLN B 92 -31.46 -7.56 12.72
N ALA B 93 -30.72 -7.30 11.64
CA ALA B 93 -31.26 -6.55 10.50
C ALA B 93 -30.83 -7.17 9.15
N LEU B 94 -30.67 -8.49 9.15
CA LEU B 94 -30.41 -9.20 7.92
C LEU B 94 -31.37 -8.74 6.84
N GLY B 95 -30.83 -8.37 5.68
CA GLY B 95 -31.65 -7.99 4.54
C GLY B 95 -32.46 -6.70 4.70
N ILE B 96 -32.15 -5.88 5.70
CA ILE B 96 -32.86 -4.60 5.84
C ILE B 96 -32.64 -3.76 4.58
N ASN B 97 -33.65 -2.98 4.21
CA ASN B 97 -33.63 -2.18 2.99
C ASN B 97 -33.69 -0.71 3.32
N PHE B 98 -32.59 -0.01 3.08
CA PHE B 98 -32.50 1.42 3.29
C PHE B 98 -32.29 2.17 1.98
N SER B 99 -32.66 1.59 0.85
CA SER B 99 -32.44 2.29 -0.40
C SER B 99 -33.27 3.58 -0.43
N ARG B 100 -32.69 4.62 -1.00
CA ARG B 100 -33.28 5.96 -1.00
C ARG B 100 -33.54 6.59 0.42
N ALA B 101 -33.06 5.97 1.49
CA ALA B 101 -33.18 6.59 2.81
C ALA B 101 -32.11 7.66 2.99
N SER B 102 -32.46 8.76 3.63
CA SER B 102 -31.53 9.86 3.87
C SER B 102 -30.92 9.79 5.27
N PHE B 103 -29.61 9.70 5.34
CA PHE B 103 -28.91 9.76 6.63
C PHE B 103 -28.25 11.13 6.84
N ALA B 104 -27.00 11.26 6.45
CA ALA B 104 -26.26 12.51 6.56
C ALA B 104 -26.88 13.61 5.69
N ASN B 105 -26.73 14.85 6.14
CA ASN B 105 -27.11 15.99 5.33
C ASN B 105 -25.99 16.32 4.35
N GLN B 106 -26.36 16.56 3.09
CA GLN B 106 -25.41 17.04 2.08
C GLN B 106 -24.70 18.29 2.57
N ILE B 107 -25.43 19.15 3.28
CA ILE B 107 -24.83 20.30 3.98
C ILE B 107 -24.04 19.73 5.17
N THR B 108 -23.02 18.95 4.82
CA THR B 108 -22.26 18.13 5.76
C THR B 108 -21.25 19.00 6.50
N VAL B 109 -21.70 19.72 7.54
CA VAL B 109 -20.78 20.59 8.30
C VAL B 109 -19.89 19.77 9.27
N LYS B 110 -18.60 19.67 8.92
CA LYS B 110 -17.66 18.71 9.55
C LYS B 110 -17.42 18.98 11.03
N SER B 111 -17.64 17.96 11.86
CA SER B 111 -17.51 18.05 13.33
C SER B 111 -17.22 16.67 13.95
N TYR B 112 -17.30 16.59 15.28
CA TYR B 112 -17.21 15.32 15.98
C TYR B 112 -18.58 14.86 16.47
N PHE B 113 -19.63 15.41 15.85
CA PHE B 113 -21.00 14.97 16.12
C PHE B 113 -21.52 14.08 14.99
N GLU B 115 -23.98 12.02 12.48
CA GLU B 115 -25.27 12.21 11.83
C GLU B 115 -26.27 11.10 12.21
N ALA B 116 -25.76 9.91 12.52
CA ALA B 116 -26.57 8.77 12.90
C ALA B 116 -25.67 7.78 13.64
N HIS B 117 -26.26 6.89 14.44
CA HIS B 117 -25.55 5.88 15.21
C HIS B 117 -26.09 4.48 14.92
N LEU B 118 -25.37 3.69 14.14
CA LEU B 118 -25.77 2.33 13.82
C LEU B 118 -24.66 1.42 14.25
N THR B 119 -24.81 0.76 15.40
CA THR B 119 -23.73 -0.05 15.94
C THR B 119 -24.20 -1.43 16.37
N GLY B 120 -23.29 -2.41 16.28
CA GLY B 120 -23.49 -3.76 16.79
C GLY B 120 -24.57 -4.56 16.09
N ASN B 121 -24.97 -4.14 14.89
CA ASN B 121 -26.06 -4.74 14.12
C ASN B 121 -25.59 -5.84 13.14
N ASN B 122 -26.47 -6.79 12.83
CA ASN B 122 -26.26 -7.66 11.67
C ASN B 122 -26.87 -7.01 10.44
N PHE B 123 -26.05 -6.35 9.61
CA PHE B 123 -26.53 -5.80 8.33
C PHE B 123 -26.20 -6.71 7.14
N SER B 124 -26.04 -8.00 7.38
CA SER B 124 -25.70 -8.94 6.32
C SER B 124 -26.82 -8.93 5.29
N TYR B 125 -26.44 -8.81 4.02
CA TYR B 125 -27.38 -8.75 2.88
C TYR B 125 -28.31 -7.55 2.89
N ALA B 126 -27.93 -6.50 3.62
CA ALA B 126 -28.72 -5.28 3.66
C ALA B 126 -28.53 -4.51 2.36
N ASN B 127 -29.43 -3.58 2.09
CA ASN B 127 -29.35 -2.73 0.91
C ASN B 127 -29.22 -1.28 1.37
N PHE B 128 -28.02 -0.74 1.21
CA PHE B 128 -27.74 0.68 1.43
C PHE B 128 -27.30 1.33 0.13
N GLU B 129 -27.70 0.76 -1.00
CA GLU B 129 -27.36 1.34 -2.29
C GLU B 129 -27.69 2.83 -2.29
N GLY B 130 -26.71 3.65 -2.68
CA GLY B 130 -26.92 5.08 -2.86
C GLY B 130 -26.92 5.92 -1.59
N CYS B 131 -26.79 5.30 -0.42
CA CYS B 131 -26.96 6.04 0.86
C CYS B 131 -25.76 6.87 1.25
N LEU B 132 -26.03 8.00 1.88
CA LEU B 132 -25.02 8.93 2.34
C LEU B 132 -24.80 8.70 3.81
N LEU B 133 -24.01 7.67 4.13
CA LEU B 133 -23.73 7.33 5.51
C LEU B 133 -22.45 8.00 5.94
N GLU B 134 -22.42 9.32 5.87
CA GLU B 134 -21.18 10.07 6.04
C GLU B 134 -21.18 10.66 7.42
N GLN B 135 -20.02 10.71 8.04
CA GLN B 135 -19.84 11.25 9.39
C GLN B 135 -20.82 10.63 10.37
N CYS B 136 -20.86 9.30 10.39
CA CYS B 136 -21.78 8.51 11.22
C CYS B 136 -20.99 7.57 12.08
N GLU B 137 -21.56 7.19 13.24
CA GLU B 137 -21.02 6.07 13.99
C GLU B 137 -21.61 4.76 13.44
N LEU B 138 -20.74 3.94 12.85
CA LEU B 138 -21.14 2.73 12.15
C LEU B 138 -20.28 1.53 12.56
N SER B 139 -19.88 1.48 13.84
CA SER B 139 -18.96 0.47 14.30
C SER B 139 -19.62 -0.86 14.69
N GLY B 140 -18.83 -1.95 14.66
CA GLY B 140 -19.23 -3.25 15.23
C GLY B 140 -20.39 -3.92 14.54
N ASN B 141 -20.62 -3.54 13.29
CA ASN B 141 -21.66 -4.15 12.47
C ASN B 141 -21.08 -5.23 11.59
N ARG B 142 -21.92 -6.18 11.24
CA ARG B 142 -21.54 -7.17 10.25
C ARG B 142 -22.23 -6.73 8.98
N TRP B 143 -21.55 -6.84 7.85
CA TRP B 143 -22.05 -6.33 6.57
C TRP B 143 -21.93 -7.33 5.44
N GLN B 144 -21.70 -8.60 5.73
CA GLN B 144 -21.45 -9.61 4.72
C GLN B 144 -22.53 -9.64 3.62
N GLY B 145 -22.13 -9.36 2.38
CA GLY B 145 -23.05 -9.44 1.25
C GLY B 145 -24.00 -8.25 1.14
N ALA B 146 -23.76 -7.21 1.93
CA ALA B 146 -24.58 -5.98 1.84
C ALA B 146 -24.28 -5.29 0.53
N ASN B 147 -25.29 -4.59 0.01
CA ASN B 147 -25.16 -3.76 -1.18
C ASN B 147 -24.81 -2.37 -0.70
N LEU B 148 -23.56 -1.96 -0.91
CA LEU B 148 -23.08 -0.62 -0.58
C LEU B 148 -22.70 0.16 -1.84
N PHE B 149 -23.29 -0.26 -2.96
CA PHE B 149 -22.98 0.32 -4.25
C PHE B 149 -23.40 1.78 -4.27
N GLY B 150 -22.47 2.65 -4.62
CA GLY B 150 -22.81 4.06 -4.80
C GLY B 150 -23.03 4.79 -3.48
N ALA B 151 -22.82 4.12 -2.34
CA ALA B 151 -22.95 4.75 -1.02
C ALA B 151 -21.67 5.51 -0.70
N SER B 152 -21.75 6.40 0.28
CA SER B 152 -20.55 6.97 0.89
C SER B 152 -20.59 6.69 2.37
N LEU B 153 -19.49 6.13 2.88
CA LEU B 153 -19.23 6.03 4.32
C LEU B 153 -18.20 7.08 4.75
N ALA B 154 -18.00 8.13 3.95
CA ALA B 154 -16.89 9.05 4.18
C ALA B 154 -16.98 9.65 5.57
N GLY B 155 -15.86 9.64 6.29
CA GLY B 155 -15.77 10.26 7.61
C GLY B 155 -16.40 9.47 8.73
N SER B 156 -16.90 8.28 8.42
CA SER B 156 -17.60 7.51 9.45
C SER B 156 -16.67 6.57 10.18
N ASP B 157 -17.11 6.13 11.34
CA ASP B 157 -16.41 5.16 12.15
C ASP B 157 -17.00 3.78 11.87
N LEU B 158 -16.23 2.90 11.21
CA LEU B 158 -16.61 1.53 10.87
C LEU B 158 -15.86 0.51 11.71
N SER B 159 -15.13 0.97 12.71
CA SER B 159 -14.19 0.12 13.43
C SER B 159 -14.90 -1.09 13.99
N GLY B 160 -14.17 -2.21 14.05
CA GLY B 160 -14.68 -3.46 14.61
C GLY B 160 -15.73 -4.09 13.70
N SER B 161 -15.81 -3.64 12.47
CA SER B 161 -16.78 -4.16 11.54
C SER B 161 -16.26 -5.45 10.91
N GLU B 162 -17.18 -6.34 10.55
CA GLU B 162 -16.89 -7.55 9.81
C GLU B 162 -17.51 -7.38 8.42
N PHE B 163 -16.67 -7.25 7.39
CA PHE B 163 -17.17 -6.87 6.09
C PHE B 163 -17.41 -8.03 5.16
N GLY B 164 -16.62 -9.09 5.32
CA GLY B 164 -16.50 -10.07 4.27
C GLY B 164 -15.93 -9.35 3.06
N GLN B 165 -16.21 -9.91 1.89
CA GLN B 165 -15.56 -9.40 0.68
C GLN B 165 -16.49 -8.42 -0.07
N ILE B 166 -16.43 -7.16 0.34
CA ILE B 166 -17.27 -6.15 -0.25
C ILE B 166 -16.62 -5.58 -1.52
N ASP B 167 -17.48 -5.15 -2.44
CA ASP B 167 -17.06 -4.38 -3.61
C ASP B 167 -16.50 -3.03 -3.15
N TRP B 168 -15.20 -3.04 -2.83
CA TRP B 168 -14.55 -1.93 -2.12
C TRP B 168 -14.48 -0.66 -2.95
N ALA B 169 -14.41 -0.78 -4.27
CA ALA B 169 -14.22 0.39 -5.17
C ALA B 169 -15.49 1.16 -5.48
N SER B 170 -16.65 0.60 -5.16
CA SER B 170 -17.92 1.27 -5.46
C SER B 170 -18.50 2.05 -4.29
N VAL B 171 -17.82 2.02 -3.15
CA VAL B 171 -18.22 2.76 -1.95
C VAL B 171 -17.11 3.71 -1.52
N ASN B 172 -17.48 4.95 -1.16
CA ASN B 172 -16.54 5.96 -0.71
C ASN B 172 -16.16 5.70 0.73
N LEU B 173 -14.88 5.43 0.95
CA LEU B 173 -14.33 5.10 2.25
C LEU B 173 -13.40 6.20 2.78
N GLN B 174 -13.32 7.35 2.09
CA GLN B 174 -12.35 8.40 2.51
C GLN B 174 -12.63 8.87 3.93
N GLY B 175 -11.59 8.93 4.77
CA GLY B 175 -11.75 9.44 6.12
C GLY B 175 -12.31 8.46 7.15
N CYS B 176 -12.59 7.22 6.73
CA CYS B 176 -13.21 6.23 7.58
C CYS B 176 -12.23 5.68 8.59
N ASP B 177 -12.75 5.30 9.74
CA ASP B 177 -12.00 4.54 10.74
C ASP B 177 -12.25 3.07 10.43
N LEU B 178 -11.23 2.40 9.89
CA LEU B 178 -11.32 0.97 9.51
C LEU B 178 -10.49 0.09 10.43
N ARG B 179 -10.14 0.64 11.60
CA ARG B 179 -9.40 -0.07 12.64
C ARG B 179 -10.14 -1.30 13.12
N GLN B 180 -9.42 -2.38 13.38
CA GLN B 180 -9.99 -3.68 13.83
C GLN B 180 -11.04 -4.25 12.89
N CYS B 181 -10.90 -3.99 11.61
CA CYS B 181 -11.74 -4.59 10.58
C CYS B 181 -10.89 -5.56 9.80
N ASP B 182 -11.43 -6.71 9.44
CA ASP B 182 -10.78 -7.57 8.44
C ASP B 182 -11.15 -6.94 7.10
N LEU B 183 -10.18 -6.79 6.22
CA LEU B 183 -10.42 -6.05 5.00
C LEU B 183 -10.01 -6.91 3.80
N PRO B 184 -10.66 -8.06 3.62
CA PRO B 184 -10.19 -9.04 2.63
C PRO B 184 -10.37 -8.58 1.19
N GLY B 185 -9.38 -8.80 0.35
CA GLY B 185 -9.46 -8.40 -1.05
C GLY B 185 -9.44 -6.91 -1.32
N LEU B 186 -9.17 -6.08 -0.30
CA LEU B 186 -9.08 -4.64 -0.49
C LEU B 186 -7.72 -4.36 -1.10
N ASP B 187 -7.75 -3.77 -2.30
CA ASP B 187 -6.55 -3.52 -3.07
C ASP B 187 -6.25 -2.00 -3.13
N LEU B 188 -5.16 -1.59 -2.47
CA LEU B 188 -4.81 -0.16 -2.39
C LEU B 188 -4.41 0.49 -3.73
N ARG B 189 -4.12 -0.32 -4.74
CA ARG B 189 -3.91 0.21 -6.09
C ARG B 189 -5.21 0.66 -6.76
N ARG B 190 -6.35 0.22 -6.21
CA ARG B 190 -7.65 0.43 -6.85
C ARG B 190 -8.65 1.17 -5.98
N VAL B 191 -8.35 1.29 -4.69
CA VAL B 191 -9.29 1.88 -3.76
C VAL B 191 -8.68 3.07 -3.05
N ASN B 192 -9.31 4.23 -3.20
CA ASN B 192 -8.89 5.43 -2.48
C ASN B 192 -9.08 5.25 -0.98
N LEU B 193 -7.98 5.32 -0.25
CA LEU B 193 -8.00 5.20 1.20
C LEU B 193 -7.44 6.46 1.86
N ASP B 194 -7.64 7.61 1.22
CA ASP B 194 -7.19 8.89 1.77
C ASP B 194 -7.86 9.18 3.11
N GLY B 195 -7.06 9.50 4.12
CA GLY B 195 -7.58 9.82 5.47
C GLY B 195 -8.07 8.64 6.30
N VAL B 196 -7.95 7.41 5.80
CA VAL B 196 -8.43 6.22 6.49
C VAL B 196 -7.54 5.79 7.63
N GLN B 197 -8.15 5.40 8.73
CA GLN B 197 -7.38 5.00 9.91
C GLN B 197 -7.35 3.50 10.04
N ILE B 198 -6.13 2.96 10.14
CA ILE B 198 -5.90 1.52 10.45
C ILE B 198 -4.90 1.38 11.59
N ASN B 199 -4.84 0.19 12.17
CA ASN B 199 -3.77 -0.14 13.15
C ASN B 199 -2.56 -0.72 12.44
N GLU B 200 -1.42 -0.75 13.14
CA GLU B 200 -0.19 -1.33 12.60
C GLU B 200 -0.36 -2.77 12.18
N ASP B 201 -1.17 -3.53 12.92
CA ASP B 201 -1.33 -4.96 12.64
C ASP B 201 -2.21 -5.26 11.38
N GLN B 202 -2.76 -4.22 10.76
CA GLN B 202 -3.54 -4.35 9.52
C GLN B 202 -2.76 -4.08 8.25
N GLN B 203 -1.52 -3.63 8.40
CA GLN B 203 -0.72 -3.18 7.26
C GLN B 203 -0.28 -4.35 6.39
N GLN B 204 0.16 -5.43 7.02
CA GLN B 204 0.76 -6.55 6.31
C GLN B 204 -0.20 -7.17 5.28
N ALA B 205 -1.45 -7.40 5.67
CA ALA B 205 -2.45 -7.97 4.81
C ALA B 205 -2.73 -7.09 3.59
N LEU B 206 -2.79 -5.78 3.78
CA LEU B 206 -2.98 -4.84 2.64
C LEU B 206 -1.76 -4.86 1.70
N LEU B 207 -0.58 -4.92 2.28
CA LEU B 207 0.65 -4.92 1.49
C LEU B 207 0.88 -6.24 0.75
N GLU B 208 0.61 -7.35 1.44
CA GLU B 208 0.66 -8.68 0.83
C GLU B 208 -0.24 -8.81 -0.39
N GLN B 209 -1.41 -8.16 -0.35
CA GLN B 209 -2.38 -8.15 -1.45
C GLN B 209 -1.81 -7.66 -2.77
N ILE B 210 -0.87 -6.70 -2.71
CA ILE B 210 -0.25 -6.16 -3.91
C ILE B 210 1.12 -6.78 -4.22
N GLY B 211 1.47 -7.85 -3.52
CA GLY B 211 2.64 -8.67 -3.86
C GLY B 211 3.87 -8.57 -2.96
N LEU B 212 3.80 -7.73 -1.92
CA LEU B 212 4.97 -7.51 -1.08
C LEU B 212 5.15 -8.66 -0.09
N ILE B 213 6.38 -8.88 0.34
CA ILE B 213 6.69 -9.92 1.31
C ILE B 213 7.23 -9.22 2.55
N VAL B 214 6.48 -9.33 3.65
CA VAL B 214 6.79 -8.60 4.86
C VAL B 214 7.42 -9.55 5.87
N PHE B 215 8.55 -9.11 6.42
CA PHE B 215 9.39 -9.84 7.37
C PHE B 215 9.42 -9.05 8.68
N PRO B 216 9.81 -9.70 9.78
CA PRO B 216 10.02 -8.91 11.01
C PRO B 216 11.13 -7.83 10.87
#